data_2XSV
#
_entry.id   2XSV
#
_cell.length_a   101.646
_cell.length_b   78.905
_cell.length_c   76.181
_cell.angle_alpha   90.00
_cell.angle_beta   126.07
_cell.angle_gamma   90.00
#
_symmetry.space_group_name_H-M   'C 1 2 1'
#
loop_
_entity.id
_entity.type
_entity.pdbx_description
1 polymer 'CATECHOL 1,2 DIOXYGENASE'
2 non-polymer 'FE (III) ION'
3 non-polymer 1-palmitoyl-2-oleoyl-sn-glycero-3-phosphoinositol
4 water water
#
_entity_poly.entity_id   1
_entity_poly.type   'polypeptide(L)'
_entity_poly.pdbx_seq_one_letter_code
;MHHHHHHNRQQIDALVKQMNVDTAKGPVDERIQQVVVRLLGDLFQAIEDLDIQPSEVWKGLEYLTDAGQANELGALAAGL
GLEHYLDLRADEADAKAGITGGTPRTIEGPLYVAGAPESVGFARMDDGSESDKVDTLIIEGTVTDTEGNIIEGAKVEVWH
ANSLGNYSFFDKSQSDFNLRRTILTDVNGKYVALTTMPVGYGCPPEGTTQALLNKLGRHGNRPSHVHYFVSAPGYRKLTT
QFNIEGDEYLWDDFAFATRDGLVATATDVTDEAEIARRELDKPFKHITFNVELVKEAEAAPSSEVERRRASA
;
_entity_poly.pdbx_strand_id   A
#
loop_
_chem_comp.id
_chem_comp.type
_chem_comp.name
_chem_comp.formula
FE non-polymer 'FE (III) ION' 'Fe 3'
PIE non-polymer 1-palmitoyl-2-oleoyl-sn-glycero-3-phosphoinositol 'C43 H80 O13 P -1'
#
# COMPACT_ATOMS: atom_id res chain seq x y z
N HIS A 4 -28.29 -7.38 -30.02
CA HIS A 4 -26.83 -7.72 -30.20
C HIS A 4 -26.32 -8.89 -29.38
N HIS A 5 -27.21 -9.61 -28.69
CA HIS A 5 -26.81 -10.84 -28.04
C HIS A 5 -26.67 -11.97 -29.07
N HIS A 6 -25.43 -12.30 -29.36
CA HIS A 6 -25.13 -13.32 -30.33
C HIS A 6 -24.90 -14.68 -29.73
N HIS A 7 -24.56 -14.72 -28.43
CA HIS A 7 -24.34 -15.95 -27.67
C HIS A 7 -24.91 -15.79 -26.27
N ASN A 8 -25.54 -16.84 -25.75
CA ASN A 8 -25.94 -16.88 -24.33
C ASN A 8 -24.84 -17.49 -23.48
N ARG A 9 -24.99 -17.51 -22.15
CA ARG A 9 -23.88 -17.94 -21.28
C ARG A 9 -23.60 -19.43 -21.46
N GLN A 10 -24.64 -20.21 -21.79
CA GLN A 10 -24.42 -21.64 -22.06
C GLN A 10 -23.47 -21.84 -23.25
N GLN A 11 -23.76 -21.13 -24.34
CA GLN A 11 -22.98 -21.17 -25.57
C GLN A 11 -21.57 -20.62 -25.32
N ILE A 12 -21.49 -19.54 -24.54
CA ILE A 12 -20.17 -18.97 -24.14
C ILE A 12 -19.34 -20.03 -23.40
N ASP A 13 -19.97 -20.63 -22.37
CA ASP A 13 -19.26 -21.63 -21.56
C ASP A 13 -18.77 -22.81 -22.39
N ALA A 14 -19.59 -23.24 -23.34
CA ALA A 14 -19.21 -24.35 -24.23
C ALA A 14 -18.00 -23.97 -25.11
N LEU A 15 -18.02 -22.75 -25.67
CA LEU A 15 -16.85 -22.28 -26.46
C LEU A 15 -15.57 -22.16 -25.62
N VAL A 16 -15.66 -21.55 -24.43
CA VAL A 16 -14.46 -21.41 -23.58
C VAL A 16 -13.89 -22.79 -23.23
N LYS A 17 -14.79 -23.76 -23.00
CA LYS A 17 -14.36 -25.13 -22.69
C LYS A 17 -13.65 -25.77 -23.90
N GLN A 18 -14.25 -25.64 -25.07
CA GLN A 18 -13.67 -26.21 -26.30
C GLN A 18 -12.29 -25.66 -26.55
N MET A 19 -12.10 -24.34 -26.32
CA MET A 19 -10.83 -23.72 -26.61
C MET A 19 -9.75 -23.91 -25.54
N ASN A 20 -10.14 -23.95 -24.27
CA ASN A 20 -9.14 -23.89 -23.21
C ASN A 20 -9.05 -25.10 -22.30
N VAL A 21 -10.02 -26.01 -22.40
CA VAL A 21 -10.10 -27.20 -21.52
C VAL A 21 -9.96 -28.47 -22.36
N ASP A 22 -10.75 -28.60 -23.41
CA ASP A 22 -10.70 -29.80 -24.29
C ASP A 22 -9.34 -29.98 -24.98
N THR A 23 -8.67 -28.85 -25.23
CA THR A 23 -7.33 -28.84 -25.82
C THR A 23 -6.20 -29.26 -24.87
N ALA A 24 -6.48 -29.44 -23.58
CA ALA A 24 -5.42 -29.82 -22.63
C ALA A 24 -4.93 -31.25 -22.88
N LYS A 25 -3.61 -31.43 -22.85
CA LYS A 25 -2.97 -32.75 -22.94
C LYS A 25 -1.94 -32.85 -21.81
N GLY A 26 -2.04 -33.92 -21.02
CA GLY A 26 -1.14 -34.14 -19.86
C GLY A 26 -1.48 -33.27 -18.65
N PRO A 27 -0.49 -32.99 -17.78
CA PRO A 27 -0.80 -32.29 -16.51
C PRO A 27 -1.22 -30.80 -16.64
N VAL A 28 -2.25 -30.43 -15.89
CA VAL A 28 -2.82 -29.07 -15.89
C VAL A 28 -2.70 -28.52 -14.46
N ASP A 29 -2.46 -27.21 -14.33
CA ASP A 29 -2.60 -26.55 -13.01
C ASP A 29 -4.10 -26.29 -12.84
N GLU A 30 -4.77 -27.06 -11.98
CA GLU A 30 -6.22 -26.98 -11.87
C GLU A 30 -6.74 -25.59 -11.42
N ARG A 31 -5.99 -24.91 -10.54
CA ARG A 31 -6.43 -23.59 -10.05
C ARG A 31 -6.36 -22.54 -11.18
N ILE A 32 -5.23 -22.54 -11.89
CA ILE A 32 -5.05 -21.58 -13.00
C ILE A 32 -6.13 -21.88 -14.05
N GLN A 33 -6.32 -23.16 -14.38
CA GLN A 33 -7.41 -23.51 -15.31
C GLN A 33 -8.79 -22.99 -14.86
N GLN A 34 -9.13 -23.20 -13.59
CA GLN A 34 -10.41 -22.73 -13.04
C GLN A 34 -10.57 -21.22 -13.18
N VAL A 35 -9.53 -20.47 -12.81
CA VAL A 35 -9.61 -19.00 -12.82
C VAL A 35 -9.70 -18.49 -14.27
N VAL A 36 -8.84 -19.00 -15.15
CA VAL A 36 -8.91 -18.62 -16.56
C VAL A 36 -10.28 -18.84 -17.18
N VAL A 37 -10.87 -20.02 -16.95
CA VAL A 37 -12.18 -20.36 -17.51
C VAL A 37 -13.27 -19.39 -17.02
N ARG A 38 -13.21 -19.07 -15.73
CA ARG A 38 -14.18 -18.18 -15.13
C ARG A 38 -14.04 -16.77 -15.71
N LEU A 39 -12.83 -16.22 -15.70
CA LEU A 39 -12.60 -14.84 -16.15
C LEU A 39 -12.85 -14.67 -17.63
N LEU A 40 -12.46 -15.68 -18.43
CA LEU A 40 -12.72 -15.57 -19.88
C LEU A 40 -14.23 -15.64 -20.18
N GLY A 41 -14.95 -16.58 -19.55
CA GLY A 41 -16.43 -16.63 -19.68
C GLY A 41 -17.09 -15.30 -19.27
N ASP A 42 -16.59 -14.67 -18.19
CA ASP A 42 -17.17 -13.42 -17.72
C ASP A 42 -16.87 -12.30 -18.73
N LEU A 43 -15.64 -12.28 -19.25
CA LEU A 43 -15.29 -11.28 -20.29
C LEU A 43 -16.17 -11.44 -21.54
N PHE A 44 -16.34 -12.68 -22.03
CA PHE A 44 -17.19 -12.90 -23.21
C PHE A 44 -18.64 -12.44 -22.94
N GLN A 45 -19.15 -12.71 -21.73
CA GLN A 45 -20.50 -12.30 -21.40
C GLN A 45 -20.66 -10.77 -21.34
N ALA A 46 -19.66 -10.08 -20.81
CA ALA A 46 -19.67 -8.63 -20.74
C ALA A 46 -19.58 -8.03 -22.16
N ILE A 47 -18.74 -8.64 -23.01
CA ILE A 47 -18.70 -8.26 -24.44
C ILE A 47 -20.09 -8.39 -25.08
N GLU A 48 -20.83 -9.47 -24.79
CA GLU A 48 -22.19 -9.63 -25.36
C GLU A 48 -23.14 -8.62 -24.75
N ASP A 49 -23.14 -8.50 -23.41
CA ASP A 49 -24.16 -7.64 -22.74
C ASP A 49 -24.02 -6.19 -23.12
N LEU A 50 -22.77 -5.73 -23.26
CA LEU A 50 -22.46 -4.35 -23.54
C LEU A 50 -22.22 -4.08 -25.03
N ASP A 51 -22.35 -5.14 -25.85
CA ASP A 51 -22.05 -5.13 -27.31
C ASP A 51 -20.71 -4.46 -27.57
N ILE A 52 -19.64 -5.02 -26.98
CA ILE A 52 -18.34 -4.39 -27.08
C ILE A 52 -17.76 -4.76 -28.44
N GLN A 53 -17.32 -3.74 -29.18
CA GLN A 53 -16.90 -3.91 -30.56
C GLN A 53 -15.43 -4.29 -30.61
N PRO A 54 -15.02 -4.89 -31.72
CA PRO A 54 -13.61 -5.31 -31.74
C PRO A 54 -12.65 -4.13 -31.51
N SER A 55 -12.92 -2.96 -32.11
CA SER A 55 -12.05 -1.80 -31.91
C SER A 55 -11.91 -1.44 -30.41
N GLU A 56 -13.02 -1.62 -29.68
CA GLU A 56 -13.02 -1.36 -28.25
C GLU A 56 -12.18 -2.36 -27.47
N VAL A 57 -12.30 -3.64 -27.83
CA VAL A 57 -11.47 -4.63 -27.19
C VAL A 57 -9.97 -4.36 -27.42
N TRP A 58 -9.60 -4.04 -28.66
CA TRP A 58 -8.19 -3.77 -28.97
C TRP A 58 -7.69 -2.53 -28.24
N LYS A 59 -8.52 -1.51 -28.14
CA LYS A 59 -8.11 -0.33 -27.33
C LYS A 59 -7.85 -0.68 -25.88
N GLY A 60 -8.72 -1.53 -25.33
CA GLY A 60 -8.56 -2.01 -23.95
C GLY A 60 -7.25 -2.75 -23.76
N LEU A 61 -6.95 -3.68 -24.68
CA LEU A 61 -5.69 -4.45 -24.60
C LEU A 61 -4.45 -3.58 -24.82
N GLU A 62 -4.56 -2.61 -25.73
CA GLU A 62 -3.46 -1.70 -25.95
C GLU A 62 -3.20 -0.86 -24.68
N TYR A 63 -4.27 -0.45 -24.02
CA TYR A 63 -4.15 0.34 -22.78
C TYR A 63 -3.42 -0.50 -21.72
N LEU A 64 -3.86 -1.75 -21.55
CA LEU A 64 -3.20 -2.66 -20.62
C LEU A 64 -1.73 -2.90 -20.95
N THR A 65 -1.41 -3.05 -22.25
CA THR A 65 -0.01 -3.17 -22.68
C THR A 65 0.79 -1.91 -22.24
N ASP A 66 0.24 -0.74 -22.52
CA ASP A 66 0.93 0.52 -22.22
C ASP A 66 1.12 0.66 -20.71
N ALA A 67 0.08 0.30 -19.96
CA ALA A 67 0.18 0.35 -18.46
C ALA A 67 1.28 -0.55 -17.90
N GLY A 68 1.35 -1.79 -18.43
CA GLY A 68 2.39 -2.75 -18.02
C GLY A 68 3.77 -2.22 -18.43
N GLN A 69 3.88 -1.64 -19.63
CA GLN A 69 5.18 -1.08 -20.04
C GLN A 69 5.66 0.09 -19.17
N ALA A 70 4.71 0.85 -18.62
CA ALA A 70 5.01 2.01 -17.76
C ALA A 70 5.09 1.61 -16.27
N ASN A 71 4.96 0.32 -15.99
CA ASN A 71 4.92 -0.25 -14.65
C ASN A 71 3.86 0.41 -13.76
N GLU A 72 2.67 0.58 -14.33
CA GLU A 72 1.56 1.32 -13.66
C GLU A 72 0.36 0.48 -13.28
N LEU A 73 0.38 -0.83 -13.53
CA LEU A 73 -0.76 -1.68 -13.17
C LEU A 73 -1.02 -1.77 -11.66
N GLY A 74 0.06 -1.68 -10.86
CA GLY A 74 -0.07 -1.58 -9.39
C GLY A 74 -0.85 -0.32 -9.02
N ALA A 75 -0.46 0.80 -9.62
CA ALA A 75 -1.15 2.06 -9.35
C ALA A 75 -2.59 2.02 -9.85
N LEU A 76 -2.83 1.30 -10.95
CA LEU A 76 -4.20 1.17 -11.48
C LEU A 76 -5.06 0.33 -10.53
N ALA A 77 -4.50 -0.79 -10.04
CA ALA A 77 -5.18 -1.59 -9.00
C ALA A 77 -5.60 -0.73 -7.76
N ALA A 78 -4.71 0.17 -7.35
CA ALA A 78 -5.01 1.08 -6.24
C ALA A 78 -6.14 2.04 -6.62
N GLY A 79 -6.02 2.71 -7.77
CA GLY A 79 -6.97 3.77 -8.15
C GLY A 79 -8.36 3.27 -8.48
N LEU A 80 -8.50 2.04 -9.01
CA LEU A 80 -9.83 1.50 -9.29
C LEU A 80 -10.48 0.94 -8.00
N GLY A 81 -9.69 0.83 -6.92
CA GLY A 81 -10.22 0.35 -5.65
C GLY A 81 -10.08 -1.16 -5.47
N LEU A 82 -9.44 -1.84 -6.43
CA LEU A 82 -9.19 -3.29 -6.27
C LEU A 82 -8.29 -3.60 -5.04
N GLU A 83 -7.23 -2.80 -4.84
CA GLU A 83 -6.32 -3.04 -3.74
C GLU A 83 -7.07 -2.86 -2.41
N HIS A 84 -7.87 -1.79 -2.31
CA HIS A 84 -8.68 -1.60 -1.10
C HIS A 84 -9.67 -2.78 -0.89
N TYR A 85 -10.29 -3.21 -1.98
CA TYR A 85 -11.25 -4.33 -1.94
C TYR A 85 -10.63 -5.61 -1.35
N LEU A 86 -9.37 -5.89 -1.67
CA LEU A 86 -8.67 -7.04 -1.06
C LEU A 86 -8.60 -6.89 0.47
N ASP A 87 -8.39 -5.66 0.96
CA ASP A 87 -8.39 -5.43 2.40
C ASP A 87 -9.78 -5.57 3.02
N LEU A 88 -10.82 -5.12 2.31
CA LEU A 88 -12.18 -5.31 2.81
C LEU A 88 -12.45 -6.80 2.98
N ARG A 89 -12.03 -7.60 2.01
CA ARG A 89 -12.17 -9.08 2.13
C ARG A 89 -11.36 -9.66 3.29
N ALA A 90 -10.12 -9.19 3.46
CA ALA A 90 -9.27 -9.71 4.51
C ALA A 90 -9.88 -9.36 5.88
N ASP A 91 -10.46 -8.16 6.00
CA ASP A 91 -11.04 -7.76 7.28
C ASP A 91 -12.25 -8.65 7.60
N GLU A 92 -13.05 -8.96 6.57
CA GLU A 92 -14.24 -9.83 6.77
C GLU A 92 -13.83 -11.25 7.12
N ALA A 93 -12.84 -11.80 6.41
CA ALA A 93 -12.24 -13.12 6.79
C ALA A 93 -11.76 -13.15 8.26
N ASP A 94 -11.10 -12.08 8.71
CA ASP A 94 -10.59 -12.03 10.07
C ASP A 94 -11.76 -11.95 11.05
N ALA A 95 -12.76 -11.12 10.75
CA ALA A 95 -13.95 -11.08 11.60
C ALA A 95 -14.59 -12.48 11.73
N LYS A 96 -14.74 -13.19 10.63
CA LYS A 96 -15.33 -14.56 10.71
C LYS A 96 -14.44 -15.54 11.50
N ALA A 97 -13.15 -15.23 11.62
CA ALA A 97 -12.24 -16.00 12.46
C ALA A 97 -12.24 -15.60 13.95
N GLY A 98 -12.98 -14.56 14.31
CA GLY A 98 -12.96 -14.07 15.69
C GLY A 98 -11.72 -13.25 16.02
N ILE A 99 -10.97 -12.82 14.99
CA ILE A 99 -9.83 -11.95 15.24
C ILE A 99 -10.27 -10.52 15.46
N THR A 100 -9.97 -10.03 16.64
CA THR A 100 -10.29 -8.67 16.97
C THR A 100 -9.05 -7.97 17.53
N GLY A 101 -9.15 -6.65 17.63
CA GLY A 101 -8.07 -5.82 18.11
C GLY A 101 -7.01 -5.69 17.04
N GLY A 102 -5.94 -5.00 17.39
CA GLY A 102 -4.84 -4.82 16.46
C GLY A 102 -5.06 -3.51 15.76
N THR A 103 -3.96 -2.86 15.41
CA THR A 103 -4.03 -1.66 14.55
C THR A 103 -4.63 -2.06 13.21
N PRO A 104 -5.56 -1.26 12.66
CA PRO A 104 -6.18 -1.63 11.39
C PRO A 104 -5.20 -1.72 10.21
N ARG A 105 -5.47 -2.65 9.30
CA ARG A 105 -4.71 -2.71 8.03
C ARG A 105 -5.17 -1.68 7.01
N THR A 106 -4.27 -1.33 6.11
CA THR A 106 -4.66 -0.68 4.86
C THR A 106 -3.69 -1.01 3.73
N ILE A 107 -3.84 -0.38 2.58
CA ILE A 107 -3.12 -0.86 1.38
C ILE A 107 -1.62 -0.61 1.44
N GLU A 108 -0.88 -1.54 0.83
CA GLU A 108 0.56 -1.41 0.66
C GLU A 108 0.96 -0.31 -0.33
N GLY A 109 0.19 -0.19 -1.41
CA GLY A 109 0.62 0.58 -2.57
C GLY A 109 1.76 -0.10 -3.31
N PRO A 110 2.20 0.50 -4.43
CA PRO A 110 3.12 -0.22 -5.29
C PRO A 110 4.59 0.17 -5.12
N LEU A 111 4.92 0.91 -4.06
CA LEU A 111 6.26 1.52 -3.98
C LEU A 111 7.20 1.05 -2.85
N TYR A 112 6.93 -0.13 -2.27
CA TYR A 112 7.87 -0.72 -1.32
C TYR A 112 9.13 -1.17 -2.05
N VAL A 113 10.27 -1.01 -1.38
CA VAL A 113 11.56 -1.55 -1.89
C VAL A 113 12.26 -2.29 -0.75
N ALA A 114 12.59 -3.56 -0.98
CA ALA A 114 13.27 -4.37 0.01
C ALA A 114 14.79 -4.02 0.05
N GLY A 115 15.38 -4.13 1.24
CA GLY A 115 16.84 -3.97 1.42
C GLY A 115 17.25 -2.67 2.13
N ALA A 116 16.29 -1.99 2.77
CA ALA A 116 16.57 -0.70 3.43
C ALA A 116 17.52 -0.87 4.63
N PRO A 117 18.27 0.20 4.98
CA PRO A 117 19.13 0.17 6.16
C PRO A 117 18.37 -0.25 7.44
N GLU A 118 18.94 -1.18 8.22
CA GLU A 118 18.33 -1.58 9.48
C GLU A 118 19.09 -1.03 10.71
N SER A 119 18.36 -0.61 11.74
CA SER A 119 18.97 -0.18 12.99
C SER A 119 18.05 -0.48 14.17
N VAL A 120 18.62 -0.40 15.37
CA VAL A 120 17.87 -0.67 16.59
C VAL A 120 17.38 0.61 17.29
N GLY A 121 16.07 0.69 17.46
CA GLY A 121 15.41 1.71 18.31
C GLY A 121 15.24 3.07 17.66
N PHE A 122 16.21 3.45 16.83
CA PHE A 122 16.24 4.80 16.24
C PHE A 122 16.81 4.79 14.81
N ALA A 123 16.25 5.62 13.93
CA ALA A 123 16.82 5.84 12.60
C ALA A 123 16.55 7.23 12.15
N ARG A 124 17.54 7.83 11.49
CA ARG A 124 17.28 9.04 10.72
C ARG A 124 16.96 8.64 9.27
N MET A 125 15.78 9.01 8.76
CA MET A 125 15.30 8.49 7.47
C MET A 125 15.79 9.28 6.27
N ASP A 126 16.04 10.58 6.46
CA ASP A 126 16.39 11.47 5.36
C ASP A 126 17.89 11.77 5.33
N ASP A 127 18.34 12.17 4.14
CA ASP A 127 19.77 12.45 3.92
C ASP A 127 20.13 13.94 4.16
N GLY A 128 19.15 14.72 4.58
CA GLY A 128 19.35 16.16 4.83
C GLY A 128 19.38 17.06 3.61
N SER A 129 19.18 16.50 2.40
CA SER A 129 19.23 17.29 1.16
C SER A 129 18.05 18.26 1.01
N GLU A 130 17.02 18.11 1.84
CA GLU A 130 15.88 19.04 1.78
C GLU A 130 15.73 19.89 3.05
N SER A 131 16.79 19.96 3.86
CA SER A 131 16.67 20.52 5.20
C SER A 131 16.27 21.99 5.21
N ASP A 132 16.56 22.71 4.13
CA ASP A 132 16.19 24.12 4.03
C ASP A 132 14.83 24.34 3.34
N LYS A 133 14.09 23.25 3.04
CA LYS A 133 12.85 23.37 2.28
C LYS A 133 11.66 22.54 2.74
N VAL A 134 11.83 21.83 3.86
CA VAL A 134 10.71 21.01 4.39
C VAL A 134 10.86 20.99 5.87
N ASP A 135 9.72 20.82 6.55
CA ASP A 135 9.71 20.64 7.99
C ASP A 135 10.31 19.31 8.43
N THR A 136 11.04 19.35 9.55
CA THR A 136 11.51 18.14 10.23
C THR A 136 10.30 17.47 10.92
N LEU A 137 10.26 16.14 10.88
CA LEU A 137 9.21 15.37 11.57
C LEU A 137 9.88 14.29 12.43
N ILE A 138 9.47 14.19 13.68
CA ILE A 138 9.80 13.01 14.46
C ILE A 138 8.57 12.13 14.60
N ILE A 139 8.73 10.83 14.34
CA ILE A 139 7.66 9.88 14.52
C ILE A 139 8.09 8.95 15.61
N GLU A 140 7.22 8.71 16.60
CA GLU A 140 7.59 7.68 17.57
C GLU A 140 6.40 6.86 18.02
N GLY A 141 6.70 5.65 18.45
CA GLY A 141 5.64 4.82 19.01
C GLY A 141 6.16 3.62 19.76
N THR A 142 5.22 2.95 20.39
CA THR A 142 5.50 1.69 21.06
C THR A 142 4.72 0.60 20.33
N VAL A 143 5.34 -0.56 20.18
CA VAL A 143 4.68 -1.71 19.57
C VAL A 143 4.32 -2.70 20.72
N THR A 144 3.04 -3.05 20.79
CA THR A 144 2.54 -3.88 21.91
C THR A 144 1.66 -5.02 21.38
N ASP A 145 1.36 -5.99 22.24
CA ASP A 145 0.30 -6.96 21.94
C ASP A 145 -1.06 -6.31 22.27
N THR A 146 -2.15 -7.05 22.14
CA THR A 146 -3.46 -6.44 22.46
C THR A 146 -3.74 -6.13 23.94
N GLU A 147 -2.96 -6.68 24.88
CA GLU A 147 -3.13 -6.25 26.27
C GLU A 147 -2.08 -5.23 26.76
N GLY A 148 -1.37 -4.61 25.81
CA GLY A 148 -0.47 -3.51 26.14
C GLY A 148 0.92 -3.94 26.59
N ASN A 149 1.22 -5.21 26.48
CA ASN A 149 2.58 -5.70 26.75
C ASN A 149 3.53 -5.34 25.63
N ILE A 150 4.67 -4.73 25.97
CA ILE A 150 5.63 -4.31 24.95
C ILE A 150 6.24 -5.49 24.18
N ILE A 151 6.61 -5.25 22.92
CA ILE A 151 7.27 -6.22 22.08
C ILE A 151 8.63 -5.68 21.68
N GLU A 152 9.69 -6.34 22.15
CA GLU A 152 11.07 -6.00 21.79
C GLU A 152 11.49 -6.75 20.53
N GLY A 153 12.19 -6.04 19.64
CA GLY A 153 12.76 -6.61 18.43
C GLY A 153 11.77 -6.77 17.28
N ALA A 154 10.57 -6.20 17.43
CA ALA A 154 9.62 -6.06 16.31
C ALA A 154 10.26 -5.24 15.19
N LYS A 155 10.02 -5.67 13.95
CA LYS A 155 10.60 -5.06 12.75
C LYS A 155 9.62 -4.02 12.19
N VAL A 156 9.96 -2.73 12.34
CA VAL A 156 9.12 -1.62 11.88
C VAL A 156 9.72 -1.08 10.57
N GLU A 157 9.09 -1.39 9.44
CA GLU A 157 9.56 -0.90 8.14
C GLU A 157 8.72 0.29 7.73
N VAL A 158 9.37 1.41 7.45
CA VAL A 158 8.66 2.65 7.08
C VAL A 158 9.20 3.17 5.73
N TRP A 159 8.31 3.65 4.87
CA TRP A 159 8.76 4.38 3.68
C TRP A 159 7.76 5.50 3.38
N HIS A 160 8.24 6.62 2.81
CA HIS A 160 7.34 7.76 2.53
C HIS A 160 8.01 8.69 1.54
N ALA A 161 7.21 9.63 1.01
CA ALA A 161 7.60 10.57 -0.02
C ALA A 161 8.39 11.76 0.54
N ASN A 162 9.19 12.34 -0.33
CA ASN A 162 9.94 13.56 0.01
C ASN A 162 9.07 14.81 -0.10
N SER A 163 9.70 16.01 -0.06
CA SER A 163 8.95 17.28 -0.01
C SER A 163 8.20 17.59 -1.31
N LEU A 164 8.55 16.86 -2.38
CA LEU A 164 7.93 17.01 -3.70
C LEU A 164 6.91 15.93 -4.02
N GLY A 165 6.71 15.01 -3.08
CA GLY A 165 5.80 13.88 -3.26
C GLY A 165 6.43 12.69 -4.00
N ASN A 166 7.76 12.59 -4.02
CA ASN A 166 8.47 11.53 -4.76
C ASN A 166 9.15 10.52 -3.84
N TYR A 167 9.21 9.27 -4.29
CA TYR A 167 9.82 8.20 -3.49
C TYR A 167 11.17 7.82 -4.07
N SER A 168 12.14 7.54 -3.22
CA SER A 168 13.42 7.02 -3.69
C SER A 168 13.26 5.68 -4.46
N PHE A 169 14.32 5.35 -5.22
CA PHE A 169 14.41 4.19 -6.10
C PHE A 169 13.65 4.48 -7.35
N PHE A 170 12.38 4.84 -7.24
CA PHE A 170 11.58 5.30 -8.36
C PHE A 170 12.01 6.67 -8.92
N ASP A 171 12.29 7.60 -8.01
CA ASP A 171 12.88 8.91 -8.35
C ASP A 171 14.41 8.75 -8.27
N LYS A 172 15.05 8.60 -9.43
CA LYS A 172 16.49 8.28 -9.46
C LYS A 172 17.42 9.43 -9.01
N SER A 173 16.89 10.64 -8.91
CA SER A 173 17.60 11.79 -8.31
C SER A 173 17.89 11.66 -6.81
N GLN A 174 17.10 10.87 -6.10
CA GLN A 174 17.31 10.69 -4.68
C GLN A 174 18.36 9.65 -4.44
N SER A 175 19.03 9.78 -3.30
CA SER A 175 20.00 8.77 -2.94
C SER A 175 19.22 7.48 -2.72
N ASP A 176 19.89 6.37 -3.00
CA ASP A 176 19.31 5.06 -2.71
C ASP A 176 18.83 4.95 -1.23
N PHE A 177 17.65 4.38 -1.12
CA PHE A 177 16.92 4.20 0.15
C PHE A 177 16.59 5.48 0.94
N ASN A 178 16.66 6.65 0.29
CA ASN A 178 16.27 7.83 1.05
C ASN A 178 14.80 7.64 1.51
N LEU A 179 14.52 8.00 2.76
CA LEU A 179 13.18 7.90 3.40
C LEU A 179 12.61 6.46 3.41
N ARG A 180 13.50 5.48 3.53
CA ARG A 180 13.13 4.08 3.70
C ARG A 180 14.05 3.51 4.78
N ARG A 181 13.48 3.03 5.88
CA ARG A 181 14.28 2.42 6.94
C ARG A 181 13.58 1.21 7.54
N THR A 182 14.39 0.32 8.10
CA THR A 182 13.85 -0.69 8.99
C THR A 182 14.37 -0.41 10.41
N ILE A 183 13.47 -0.28 11.37
CA ILE A 183 13.78 0.00 12.78
C ILE A 183 13.31 -1.17 13.67
N LEU A 184 14.25 -1.81 14.38
CA LEU A 184 13.85 -2.88 15.31
C LEU A 184 13.49 -2.22 16.63
N THR A 185 12.33 -2.58 17.22
CA THR A 185 11.94 -1.99 18.50
C THR A 185 12.96 -2.33 19.60
N ASP A 186 13.17 -1.36 20.48
CA ASP A 186 14.16 -1.49 21.55
C ASP A 186 13.57 -2.26 22.76
N VAL A 187 14.37 -2.38 23.82
CA VAL A 187 13.93 -3.04 25.04
C VAL A 187 12.60 -2.49 25.67
N ASN A 188 12.24 -1.24 25.38
CA ASN A 188 10.97 -0.71 25.85
C ASN A 188 9.80 -0.82 24.83
N GLY A 189 10.01 -1.59 23.75
CA GLY A 189 9.05 -1.70 22.62
C GLY A 189 8.98 -0.45 21.75
N LYS A 190 9.97 0.44 21.86
CA LYS A 190 9.91 1.76 21.22
C LYS A 190 10.67 1.81 19.90
N TYR A 191 10.14 2.63 18.96
CA TYR A 191 10.85 3.03 17.77
C TYR A 191 10.76 4.55 17.67
N VAL A 192 11.79 5.16 17.10
CA VAL A 192 11.81 6.59 16.84
C VAL A 192 12.39 6.79 15.44
N ALA A 193 11.72 7.59 14.62
CA ALA A 193 12.26 7.94 13.33
C ALA A 193 12.39 9.46 13.24
N LEU A 194 13.58 9.92 12.88
CA LEU A 194 13.79 11.32 12.58
C LEU A 194 13.76 11.50 11.05
N THR A 195 12.81 12.30 10.57
CA THR A 195 12.60 12.38 9.15
C THR A 195 12.09 13.76 8.73
N THR A 196 11.44 13.82 7.57
CA THR A 196 10.86 15.08 7.07
C THR A 196 9.37 14.88 6.82
N MET A 197 8.58 15.97 6.86
CA MET A 197 7.14 15.83 6.58
C MET A 197 6.85 15.37 5.13
N PRO A 198 6.14 14.24 4.97
CA PRO A 198 5.72 13.83 3.62
C PRO A 198 4.63 14.76 3.10
N VAL A 199 4.60 14.98 1.79
CA VAL A 199 3.47 15.65 1.14
C VAL A 199 2.72 14.59 0.30
N GLY A 200 1.40 14.78 0.14
CA GLY A 200 0.59 13.94 -0.74
C GLY A 200 1.04 14.17 -2.20
N TYR A 201 0.57 13.33 -3.09
CA TYR A 201 1.04 13.33 -4.46
C TYR A 201 0.00 12.76 -5.37
N GLY A 202 0.21 12.97 -6.68
CA GLY A 202 -0.69 12.43 -7.67
C GLY A 202 0.00 11.41 -8.56
N CYS A 203 -0.81 10.77 -9.39
CA CYS A 203 -0.31 9.93 -10.48
C CYS A 203 0.55 10.76 -11.45
N PRO A 204 1.56 10.13 -12.12
CA PRO A 204 2.24 10.83 -13.24
C PRO A 204 1.23 11.35 -14.27
N PRO A 205 1.22 12.69 -14.49
CA PRO A 205 0.10 13.33 -15.20
C PRO A 205 -0.05 12.86 -16.64
N GLU A 206 1.03 12.47 -17.28
CA GLU A 206 0.97 11.99 -18.66
C GLU A 206 0.96 10.45 -18.75
N GLY A 207 0.81 9.81 -17.60
CA GLY A 207 0.88 8.32 -17.53
C GLY A 207 -0.47 7.67 -17.81
N THR A 208 -0.48 6.33 -17.82
CA THR A 208 -1.69 5.61 -18.17
C THR A 208 -2.75 5.66 -17.07
N THR A 209 -2.33 5.66 -15.80
CA THR A 209 -3.35 5.67 -14.71
C THR A 209 -4.18 6.95 -14.78
N GLN A 210 -3.50 8.09 -14.87
CA GLN A 210 -4.22 9.38 -14.97
C GLN A 210 -5.02 9.49 -16.26
N ALA A 211 -4.50 8.96 -17.36
CA ALA A 211 -5.27 8.93 -18.60
C ALA A 211 -6.68 8.28 -18.41
N LEU A 212 -6.76 7.14 -17.73
CA LEU A 212 -8.05 6.52 -17.48
C LEU A 212 -8.88 7.33 -16.45
N LEU A 213 -8.24 7.73 -15.35
CA LEU A 213 -8.96 8.57 -14.34
C LEU A 213 -9.59 9.80 -14.97
N ASN A 214 -8.88 10.43 -15.91
CA ASN A 214 -9.42 11.58 -16.64
C ASN A 214 -10.73 11.24 -17.37
N LYS A 215 -10.77 10.07 -18.02
CA LYS A 215 -11.99 9.60 -18.67
C LYS A 215 -13.13 9.37 -17.68
N LEU A 216 -12.78 9.00 -16.45
CA LEU A 216 -13.74 8.75 -15.40
C LEU A 216 -14.08 10.05 -14.63
N GLY A 217 -13.51 11.18 -15.05
CA GLY A 217 -13.76 12.44 -14.32
C GLY A 217 -13.13 12.50 -12.93
N ARG A 218 -12.08 11.69 -12.69
CA ARG A 218 -11.54 11.53 -11.36
C ARG A 218 -10.14 12.12 -11.19
N HIS A 219 -9.86 12.63 -10.00
CA HIS A 219 -8.49 12.99 -9.66
C HIS A 219 -7.64 11.75 -9.25
N GLY A 220 -6.33 11.90 -9.32
CA GLY A 220 -5.40 10.79 -8.94
C GLY A 220 -4.51 11.14 -7.77
N ASN A 221 -5.05 11.88 -6.80
CA ASN A 221 -4.26 12.33 -5.64
C ASN A 221 -4.42 11.47 -4.39
N ARG A 222 -3.34 11.34 -3.61
CA ARG A 222 -3.35 10.76 -2.26
C ARG A 222 -2.98 11.81 -1.22
N PRO A 223 -3.64 11.76 -0.03
CA PRO A 223 -3.20 12.64 1.08
C PRO A 223 -1.81 12.19 1.55
N SER A 224 -1.13 13.08 2.29
CA SER A 224 0.18 12.71 2.90
C SER A 224 0.02 11.48 3.81
N HIS A 225 1.05 10.63 3.83
CA HIS A 225 0.97 9.40 4.64
C HIS A 225 2.37 8.81 4.79
N VAL A 226 2.52 7.88 5.73
CA VAL A 226 3.75 7.13 5.90
C VAL A 226 3.34 5.69 5.92
N HIS A 227 4.00 4.87 5.11
CA HIS A 227 3.68 3.42 5.06
C HIS A 227 4.43 2.60 6.12
N TYR A 228 3.82 1.48 6.55
CA TYR A 228 4.40 0.60 7.55
C TYR A 228 4.20 -0.86 7.17
N PHE A 229 5.27 -1.66 7.26
CA PHE A 229 5.10 -3.10 7.59
C PHE A 229 5.57 -3.28 9.04
N VAL A 230 4.82 -4.01 9.86
CA VAL A 230 5.29 -4.31 11.21
C VAL A 230 5.22 -5.82 11.38
N SER A 231 6.32 -6.42 11.81
CA SER A 231 6.30 -7.89 12.03
C SER A 231 7.07 -8.27 13.29
N ALA A 232 6.71 -9.42 13.87
CA ALA A 232 7.44 -9.94 15.02
C ALA A 232 7.18 -11.44 15.13
N PRO A 233 8.18 -12.19 15.60
CA PRO A 233 7.93 -13.62 15.87
C PRO A 233 6.74 -13.83 16.81
N GLY A 234 5.82 -14.71 16.41
CA GLY A 234 4.60 -15.01 17.18
C GLY A 234 3.40 -14.12 16.92
N TYR A 235 3.60 -13.11 16.07
CA TYR A 235 2.56 -12.12 15.75
C TYR A 235 2.18 -12.08 14.28
N ARG A 236 0.93 -11.66 14.00
CA ARG A 236 0.47 -11.54 12.63
C ARG A 236 1.11 -10.28 12.00
N LYS A 237 1.68 -10.43 10.81
CA LYS A 237 2.30 -9.28 10.10
C LYS A 237 1.23 -8.27 9.75
N LEU A 238 1.60 -6.98 9.87
CA LEU A 238 0.65 -5.89 9.66
C LEU A 238 1.15 -5.02 8.50
N THR A 239 0.25 -4.69 7.55
CA THR A 239 0.53 -3.69 6.50
C THR A 239 -0.41 -2.54 6.81
N THR A 240 0.15 -1.35 7.01
CA THR A 240 -0.69 -0.21 7.41
C THR A 240 -0.06 1.11 6.99
N GLN A 241 -0.69 2.20 7.39
CA GLN A 241 -0.11 3.54 7.25
C GLN A 241 -0.70 4.46 8.32
N PHE A 242 -0.12 5.67 8.46
CA PHE A 242 -0.92 6.75 9.06
C PHE A 242 -1.07 7.83 8.05
N ASN A 243 -2.20 8.53 8.12
CA ASN A 243 -2.44 9.75 7.40
C ASN A 243 -2.37 10.91 8.36
N ILE A 244 -2.19 12.13 7.83
CA ILE A 244 -2.00 13.28 8.70
C ILE A 244 -3.23 14.17 8.62
N GLU A 245 -3.81 14.50 9.79
CA GLU A 245 -4.99 15.35 9.86
C GLU A 245 -4.68 16.70 9.21
N GLY A 246 -5.65 17.28 8.51
CA GLY A 246 -5.45 18.60 7.89
C GLY A 246 -5.22 18.53 6.37
N ASP A 247 -4.97 17.33 5.84
CA ASP A 247 -4.70 17.20 4.41
C ASP A 247 -6.01 17.40 3.60
N GLU A 248 -5.91 18.17 2.52
CA GLU A 248 -7.08 18.40 1.60
C GLU A 248 -7.72 17.09 1.17
N TYR A 249 -6.87 16.07 0.92
CA TYR A 249 -7.37 14.78 0.37
C TYR A 249 -7.54 13.70 1.40
N LEU A 250 -7.52 14.08 2.69
CA LEU A 250 -7.61 13.06 3.74
C LEU A 250 -8.74 12.05 3.54
N TRP A 251 -9.97 12.53 3.25
CA TRP A 251 -11.11 11.64 3.06
C TRP A 251 -11.56 11.56 1.60
N ASP A 252 -10.63 11.85 0.70
CA ASP A 252 -10.88 11.85 -0.74
C ASP A 252 -9.64 11.24 -1.43
N ASP A 253 -9.07 10.18 -0.84
CA ASP A 253 -7.88 9.51 -1.40
C ASP A 253 -8.33 8.73 -2.64
N PHE A 254 -7.64 8.92 -3.77
CA PHE A 254 -8.00 8.17 -5.03
C PHE A 254 -7.81 6.63 -4.89
N ALA A 255 -7.04 6.20 -3.88
CA ALA A 255 -6.88 4.77 -3.58
C ALA A 255 -7.68 4.28 -2.34
N PHE A 256 -8.51 5.14 -1.75
CA PHE A 256 -9.45 4.72 -0.69
C PHE A 256 -8.82 4.05 0.54
N ALA A 257 -7.65 4.51 0.93
CA ALA A 257 -6.86 3.84 1.96
C ALA A 257 -7.07 4.41 3.38
N THR A 258 -7.59 5.63 3.51
CA THR A 258 -7.78 6.27 4.83
C THR A 258 -8.83 5.52 5.66
N ARG A 259 -8.55 5.33 6.94
CA ARG A 259 -9.50 4.69 7.84
C ARG A 259 -9.43 5.32 9.19
N ASP A 260 -10.55 5.22 9.92
CA ASP A 260 -10.56 5.52 11.34
C ASP A 260 -9.51 4.67 12.08
N GLY A 261 -8.78 5.30 12.96
CA GLY A 261 -7.75 4.58 13.68
C GLY A 261 -6.38 4.83 13.08
N LEU A 262 -6.33 5.34 11.84
CA LEU A 262 -5.06 5.54 11.14
C LEU A 262 -4.87 7.00 10.76
N VAL A 263 -5.60 7.92 11.40
CA VAL A 263 -5.31 9.35 11.17
C VAL A 263 -4.53 9.88 12.36
N ALA A 264 -3.37 10.48 12.10
CA ALA A 264 -2.56 11.07 13.18
C ALA A 264 -2.58 12.59 13.11
N THR A 265 -2.49 13.22 14.27
CA THR A 265 -2.28 14.66 14.33
C THR A 265 -0.80 15.02 14.51
N ALA A 266 -0.28 15.88 13.63
CA ALA A 266 1.12 16.37 13.71
C ALA A 266 1.15 17.53 14.70
N THR A 267 1.74 17.32 15.86
CA THR A 267 1.88 18.38 16.86
C THR A 267 3.09 19.27 16.55
N ASP A 268 3.06 20.54 16.99
CA ASP A 268 4.14 21.45 16.64
C ASP A 268 4.97 21.61 17.90
N VAL A 269 6.28 21.45 17.79
CA VAL A 269 7.14 21.63 18.96
C VAL A 269 8.00 22.85 18.68
N THR A 270 7.75 23.91 19.44
CA THR A 270 8.52 25.17 19.29
C THR A 270 9.33 25.46 20.57
N ASP A 271 9.10 24.67 21.62
CA ASP A 271 9.75 24.83 22.92
C ASP A 271 11.28 24.65 22.84
N GLU A 272 12.02 25.71 23.18
CA GLU A 272 13.49 25.68 23.14
C GLU A 272 14.15 24.52 23.92
N ALA A 273 13.64 24.22 25.10
CA ALA A 273 14.15 23.10 25.91
C ALA A 273 14.01 21.77 25.17
N GLU A 274 12.80 21.49 24.66
CA GLU A 274 12.52 20.21 23.98
C GLU A 274 13.32 20.06 22.69
N ILE A 275 13.45 21.15 21.93
CA ILE A 275 14.25 21.18 20.72
C ILE A 275 15.71 20.81 21.01
N ALA A 276 16.25 21.37 22.10
CA ALA A 276 17.62 21.09 22.53
C ALA A 276 17.79 19.62 22.93
N ARG A 277 16.81 19.10 23.65
CA ARG A 277 16.76 17.70 24.06
C ARG A 277 16.86 16.75 22.84
N ARG A 278 16.20 17.11 21.73
CA ARG A 278 16.22 16.27 20.52
C ARG A 278 17.44 16.49 19.63
N GLU A 279 18.31 17.42 20.03
CA GLU A 279 19.49 17.82 19.23
C GLU A 279 19.17 18.48 17.89
N LEU A 280 18.13 19.31 17.90
CA LEU A 280 17.73 20.07 16.71
C LEU A 280 17.95 21.55 16.98
N ASP A 281 17.75 22.39 15.97
CA ASP A 281 18.02 23.82 16.05
C ASP A 281 16.76 24.67 15.81
N LYS A 282 15.67 24.03 15.36
CA LYS A 282 14.47 24.73 14.93
C LYS A 282 13.21 23.94 15.32
N PRO A 283 12.03 24.60 15.31
CA PRO A 283 10.81 23.84 15.57
C PRO A 283 10.64 22.66 14.64
N PHE A 284 9.95 21.65 15.14
CA PHE A 284 9.64 20.46 14.35
C PHE A 284 8.20 19.97 14.61
N LYS A 285 7.80 18.98 13.80
CA LYS A 285 6.48 18.35 13.91
C LYS A 285 6.73 17.03 14.56
N HIS A 286 5.80 16.64 15.42
CA HIS A 286 5.88 15.36 16.10
C HIS A 286 4.60 14.54 15.91
N ILE A 287 4.78 13.25 15.56
CA ILE A 287 3.65 12.31 15.47
C ILE A 287 3.90 11.11 16.35
N THR A 288 2.89 10.75 17.16
CA THR A 288 2.85 9.49 17.85
C THR A 288 2.04 8.47 17.06
N PHE A 289 2.61 7.31 16.81
CA PHE A 289 1.86 6.24 16.16
C PHE A 289 2.25 4.92 16.80
N ASN A 290 1.44 4.51 17.76
CA ASN A 290 1.61 3.22 18.41
C ASN A 290 0.97 2.15 17.58
N VAL A 291 1.52 0.93 17.70
CA VAL A 291 1.09 -0.20 16.91
C VAL A 291 0.78 -1.37 17.87
N GLU A 292 -0.41 -1.93 17.71
CA GLU A 292 -0.87 -3.12 18.45
C GLU A 292 -0.96 -4.28 17.47
N LEU A 293 -0.21 -5.35 17.75
CA LEU A 293 -0.16 -6.56 16.95
C LEU A 293 -0.97 -7.68 17.62
N VAL A 294 -1.62 -8.49 16.79
CA VAL A 294 -2.45 -9.61 17.26
C VAL A 294 -1.56 -10.87 17.26
N LYS A 295 -1.67 -11.68 18.31
CA LYS A 295 -0.87 -12.92 18.33
C LYS A 295 -1.35 -13.92 17.28
N GLU A 296 -0.39 -14.59 16.69
CA GLU A 296 -0.62 -15.53 15.62
C GLU A 296 -1.20 -16.84 16.19
N ALA A 297 -2.46 -17.12 15.84
CA ALA A 297 -3.13 -18.34 16.34
C ALA A 297 -3.20 -19.36 15.21
N GLU A 298 -3.32 -20.64 15.56
CA GLU A 298 -3.44 -21.72 14.58
C GLU A 298 -4.65 -21.51 13.63
N ALA A 299 -5.76 -21.04 14.19
CA ALA A 299 -7.00 -20.72 13.46
C ALA A 299 -6.91 -19.48 12.54
N ALA A 300 -5.92 -18.61 12.77
CA ALA A 300 -5.88 -17.31 12.06
C ALA A 300 -5.59 -17.47 10.55
N PRO A 301 -6.39 -16.79 9.68
CA PRO A 301 -5.96 -16.66 8.26
C PRO A 301 -4.62 -15.91 8.18
N SER A 302 -3.79 -16.21 7.17
CA SER A 302 -2.50 -15.51 7.03
C SER A 302 -2.72 -13.99 6.87
N SER A 303 -1.87 -13.17 7.50
CA SER A 303 -1.94 -11.71 7.29
C SER A 303 -0.80 -11.22 6.36
N GLU A 304 -0.02 -12.20 5.87
CA GLU A 304 1.09 -11.95 4.96
C GLU A 304 0.69 -12.15 3.48
N VAL A 305 1.23 -11.29 2.61
CA VAL A 305 0.87 -11.34 1.20
C VAL A 305 2.14 -11.47 0.36
N GLU A 306 2.21 -12.54 -0.44
CA GLU A 306 3.26 -12.70 -1.47
C GLU A 306 2.97 -11.74 -2.64
N ARG A 307 3.93 -10.88 -2.95
CA ARG A 307 3.76 -9.89 -4.00
C ARG A 307 5.14 -9.54 -4.52
N ARG A 308 5.28 -9.35 -5.84
CA ARG A 308 6.56 -8.92 -6.41
C ARG A 308 6.87 -7.47 -5.98
N ARG A 309 8.02 -7.30 -5.39
CA ARG A 309 8.42 -5.98 -4.88
C ARG A 309 9.83 -5.72 -5.35
N ALA A 310 10.11 -4.47 -5.68
CA ALA A 310 11.48 -4.03 -5.99
C ALA A 310 12.45 -4.34 -4.83
N SER A 311 13.74 -4.50 -5.14
CA SER A 311 14.77 -4.65 -4.10
C SER A 311 16.05 -4.00 -4.60
N ALA A 312 16.91 -3.62 -3.66
CA ALA A 312 18.14 -2.90 -4.03
C ALA A 312 19.18 -3.02 -2.93
FE FE B . 2.56 6.06 -0.72
P PIE C . -6.31 6.34 -22.72
O11 PIE C . -6.58 5.99 -24.11
O12 PIE C . -7.61 6.05 -21.71
O13 PIE C . -6.18 8.07 -22.77
O14 PIE C . -5.00 6.02 -22.12
C1 PIE C . -7.96 6.17 -24.51
C2 PIE C . -8.65 4.82 -24.77
C3 PIE C . -9.50 4.40 -23.57
O31 PIE C . -9.48 2.97 -23.41
O32 PIE C . -8.59 3.33 -21.39
C31 PIE C . -9.33 2.65 -22.09
C32 PIE C . -10.12 1.47 -21.52
C33 PIE C . -9.36 0.73 -20.42
C34 PIE C . -10.32 0.04 -19.47
C35 PIE C . -9.96 -1.42 -19.30
C36 PIE C . -9.21 -1.66 -18.00
C37 PIE C . -10.13 -1.53 -16.78
C38 PIE C . -10.88 -2.83 -16.53
C39 PIE C . -11.31 -2.93 -15.22
C40 PIE C . -11.20 -4.13 -14.52
C41 PIE C . -10.62 -5.26 -15.06
C42 PIE C . -9.37 -5.66 -14.26
O21 PIE C . -9.44 4.78 -26.01
O22 PIE C . -10.06 6.97 -26.11
C21 PIE C . -10.34 5.78 -26.28
C22 PIE C . -11.70 5.43 -26.91
C23 PIE C . -12.27 4.10 -26.43
C24 PIE C . -13.78 4.06 -26.68
C25 PIE C . -14.43 2.99 -25.80
C26 PIE C . -13.35 2.23 -25.04
C27 PIE C . -13.96 1.14 -24.18
C28 PIE C . -12.86 0.17 -23.80
C29 PIE C . -13.38 -1.25 -23.75
C47 PIE C . -12.42 -2.10 -22.94
C48 PIE C . -12.65 -3.57 -23.21
C49 PIE C . -11.47 -4.33 -22.62
C50 PIE C . -11.57 -5.83 -22.88
C51 PIE C . -10.18 -6.48 -22.87
C1' PIE C . -1.44 6.61 -22.84
C2' PIE C . -1.28 5.71 -24.02
C3' PIE C . -2.54 5.82 -24.90
C4' PIE C . -3.76 5.53 -24.14
C5' PIE C . -3.89 6.42 -22.90
C6' PIE C . -2.64 6.23 -21.99
O1' PIE C . -0.30 6.46 -21.97
O2' PIE C . -0.16 6.04 -24.81
O3' PIE C . -2.44 4.96 -26.04
O4' PIE C . -4.70 4.48 -24.29
O6' PIE C . -2.74 7.11 -20.87
C52 PIE C . -9.43 -6.25 -21.56
C53 PIE C . -10.17 -6.94 -20.40
C54 PIE C . -9.41 -6.78 -19.09
C55 PIE C . -8.28 -7.80 -19.04
C43 PIE C . -8.09 -4.91 -14.68
C44 PIE C . -6.95 -5.08 -13.66
C45 PIE C . -6.97 -3.93 -12.64
C46 PIE C . -5.55 -3.50 -12.30
#